data_5ANW
#
_entry.id   5ANW
#
_cell.length_a   61.130
_cell.length_b   66.070
_cell.length_c   35.980
_cell.angle_alpha   90.00
_cell.angle_beta   90.00
_cell.angle_gamma   90.00
#
_symmetry.space_group_name_H-M   'P 21 21 2'
#
loop_
_entity.id
_entity.type
_entity.pdbx_description
1 polymer '7,8-DIHYDRO-8-OXOGUANINE TRIPHOSPHATASE'
2 non-polymer 2-[4-(2-AMINOQUINAZOLIN-4-YL)PHENYL]-N,N-DIMETHYL-ACETAMIDE
3 water water
#
_entity_poly.entity_id   1
_entity_poly.type   'polypeptide(L)'
_entity_poly.pdbx_seq_one_letter_code
;GAMGASRLYTLVLVLQPQRVLLGMKKRGFGAGRWNGFGGKVQEGETIEDGARRELQEESGLTVDALHKVGQIVFEFVGEP
ELMDVHVFCTDSIQGTPVESDEMRPCWFQLDQIPFKDMWPDDSYWFPLLLQKKKFHGYFKFQGQDTILDYTLREVDTV
;
_entity_poly.pdbx_strand_id   A
#
loop_
_chem_comp.id
_chem_comp.type
_chem_comp.name
_chem_comp.formula
9CQ non-polymer 2-[4-(2-AMINOQUINAZOLIN-4-YL)PHENYL]-N,N-DIMETHYL-ACETAMIDE 'C18 H18 N4 O'
#
# COMPACT_ATOMS: atom_id res chain seq x y z
N ALA A 5 9.42 12.30 -14.52
CA ALA A 5 10.37 11.26 -14.14
C ALA A 5 9.75 10.46 -12.99
N SER A 6 9.08 9.33 -13.29
CA SER A 6 8.42 8.53 -12.28
C SER A 6 8.39 7.06 -12.64
N ARG A 7 8.10 6.22 -11.65
CA ARG A 7 7.99 4.78 -11.86
C ARG A 7 6.76 4.30 -11.14
N LEU A 8 6.01 3.41 -11.78
CA LEU A 8 4.81 2.83 -11.23
C LEU A 8 5.08 1.79 -10.14
N TYR A 9 4.26 1.87 -9.09
CA TYR A 9 4.25 0.89 -8.00
C TYR A 9 2.81 0.67 -7.63
N THR A 10 2.52 -0.49 -7.06
CA THR A 10 1.19 -0.83 -6.57
C THR A 10 1.22 -0.98 -5.04
N LEU A 11 0.05 -0.79 -4.42
CA LEU A 11 -0.14 -0.95 -3.00
C LEU A 11 -1.52 -1.45 -2.77
N VAL A 12 -1.63 -2.69 -2.22
CA VAL A 12 -2.94 -3.33 -2.02
C VAL A 12 -3.25 -3.52 -0.57
N LEU A 13 -4.41 -3.07 -0.15
CA LEU A 13 -4.91 -3.23 1.20
C LEU A 13 -6.12 -4.17 1.20
N VAL A 14 -6.01 -5.27 1.92
CA VAL A 14 -7.10 -6.22 2.11
C VAL A 14 -7.83 -5.69 3.35
N LEU A 15 -8.96 -5.02 3.12
CA LEU A 15 -9.70 -4.35 4.17
C LEU A 15 -11.06 -4.96 4.30
N GLN A 16 -11.27 -5.62 5.43
CA GLN A 16 -12.51 -6.29 5.76
C GLN A 16 -13.27 -5.44 6.79
N PRO A 17 -14.54 -5.75 7.10
CA PRO A 17 -15.30 -4.88 8.02
C PRO A 17 -14.67 -4.62 9.39
N GLN A 18 -13.97 -5.62 9.97
CA GLN A 18 -13.36 -5.43 11.30
C GLN A 18 -11.84 -5.58 11.35
N ARG A 19 -11.19 -5.79 10.20
CA ARG A 19 -9.73 -5.98 10.20
C ARG A 19 -9.08 -5.62 8.88
N VAL A 20 -7.77 -5.36 8.92
CA VAL A 20 -6.97 -5.06 7.73
C VAL A 20 -5.72 -5.91 7.73
N LEU A 21 -5.31 -6.41 6.56
CA LEU A 21 -4.09 -7.20 6.45
C LEU A 21 -2.91 -6.35 6.11
N LEU A 22 -1.81 -6.47 6.88
CA LEU A 22 -0.58 -5.76 6.54
C LEU A 22 0.53 -6.75 6.54
N GLY A 23 1.62 -6.43 5.85
CA GLY A 23 2.77 -7.32 5.80
C GLY A 23 4.01 -6.60 6.28
N MET A 24 4.79 -7.30 7.11
CA MET A 24 6.06 -6.79 7.61
C MET A 24 7.15 -7.23 6.63
N LYS A 25 7.75 -6.29 5.88
CA LYS A 25 8.74 -6.61 4.86
C LYS A 25 10.09 -6.94 5.52
N LYS A 26 10.71 -8.07 5.15
CA LYS A 26 11.93 -8.51 5.81
C LYS A 26 13.23 -7.89 5.29
N ARG A 27 13.34 -7.62 4.00
CA ARG A 27 14.55 -7.07 3.41
C ARG A 27 14.24 -6.08 2.30
N GLY A 28 15.28 -5.37 1.86
CA GLY A 28 15.16 -4.40 0.78
C GLY A 28 14.44 -3.13 1.17
N PHE A 29 13.88 -2.47 0.16
CA PHE A 29 13.22 -1.19 0.36
C PHE A 29 11.97 -1.34 1.24
N GLY A 30 11.91 -0.58 2.32
CA GLY A 30 10.80 -0.62 3.25
C GLY A 30 10.91 -1.71 4.31
N ALA A 31 12.05 -2.42 4.37
CA ALA A 31 12.21 -3.43 5.39
C ALA A 31 11.99 -2.89 6.80
N GLY A 32 11.30 -3.67 7.61
CA GLY A 32 11.04 -3.34 9.00
C GLY A 32 9.77 -2.54 9.20
N ARG A 33 9.05 -2.28 8.10
CA ARG A 33 7.79 -1.57 8.19
C ARG A 33 6.64 -2.42 7.75
N TRP A 34 5.49 -2.20 8.40
CA TRP A 34 4.24 -2.82 7.97
C TRP A 34 3.73 -1.97 6.81
N ASN A 35 3.20 -2.62 5.78
CA ASN A 35 2.57 -1.95 4.66
C ASN A 35 1.63 -2.93 3.98
N GLY A 36 0.90 -2.43 2.99
CA GLY A 36 0.14 -3.28 2.12
C GLY A 36 1.09 -4.02 1.20
N PHE A 37 0.53 -4.76 0.24
CA PHE A 37 1.31 -5.59 -0.64
C PHE A 37 1.42 -4.97 -2.01
N GLY A 38 2.53 -5.20 -2.69
CA GLY A 38 2.67 -4.62 -4.02
C GLY A 38 4.10 -4.56 -4.48
N GLY A 39 4.33 -3.83 -5.56
CA GLY A 39 5.66 -3.74 -6.12
C GLY A 39 5.64 -3.06 -7.45
N LYS A 40 6.66 -3.30 -8.24
CA LYS A 40 6.79 -2.74 -9.57
C LYS A 40 5.77 -3.40 -10.51
N VAL A 41 5.42 -2.68 -11.59
CA VAL A 41 4.50 -3.17 -12.61
C VAL A 41 5.37 -3.60 -13.79
N GLN A 42 5.05 -4.75 -14.38
CA GLN A 42 5.84 -5.26 -15.50
C GLN A 42 5.49 -4.61 -16.83
N GLU A 43 6.42 -4.71 -17.79
CA GLU A 43 6.18 -4.25 -19.14
C GLU A 43 5.07 -5.12 -19.72
N GLY A 44 4.10 -4.49 -20.38
CA GLY A 44 2.98 -5.19 -20.99
C GLY A 44 1.92 -5.67 -20.00
N GLU A 45 2.04 -5.28 -18.73
CA GLU A 45 1.10 -5.66 -17.70
C GLU A 45 0.32 -4.42 -17.29
N THR A 46 -1.00 -4.55 -17.05
CA THR A 46 -1.75 -3.39 -16.53
C THR A 46 -1.40 -3.18 -15.05
N ILE A 47 -1.63 -1.98 -14.54
CA ILE A 47 -1.37 -1.68 -13.12
C ILE A 47 -2.19 -2.61 -12.21
N GLU A 48 -3.49 -2.80 -12.51
CA GLU A 48 -4.35 -3.67 -11.72
C GLU A 48 -3.85 -5.13 -11.77
N ASP A 49 -3.39 -5.60 -12.96
CA ASP A 49 -2.86 -6.95 -13.04
C ASP A 49 -1.57 -7.11 -12.20
N GLY A 50 -0.73 -6.08 -12.18
CA GLY A 50 0.45 -6.08 -11.34
C GLY A 50 0.10 -6.12 -9.87
N ALA A 51 -0.94 -5.37 -9.47
CA ALA A 51 -1.38 -5.33 -8.08
C ALA A 51 -1.87 -6.72 -7.64
N ARG A 52 -2.67 -7.40 -8.49
CA ARG A 52 -3.16 -8.75 -8.23
C ARG A 52 -1.98 -9.74 -8.11
N ARG A 53 -1.04 -9.67 -9.06
CA ARG A 53 0.13 -10.55 -9.06
C ARG A 53 0.93 -10.36 -7.77
N GLU A 54 1.22 -9.10 -7.40
CA GLU A 54 2.03 -8.83 -6.22
C GLU A 54 1.33 -9.22 -4.93
N LEU A 55 -0.01 -9.03 -4.85
CA LEU A 55 -0.72 -9.47 -3.66
C LEU A 55 -0.53 -10.99 -3.49
N GLN A 56 -0.66 -11.77 -4.58
CA GLN A 56 -0.50 -13.22 -4.52
C GLN A 56 0.90 -13.65 -4.12
N GLU A 57 1.91 -13.07 -4.78
CA GLU A 57 3.32 -13.38 -4.52
C GLU A 57 3.76 -13.10 -3.08
N GLU A 58 3.27 -12.00 -2.48
CA GLU A 58 3.70 -11.56 -1.16
C GLU A 58 2.83 -12.01 0.00
N SER A 59 1.51 -12.18 -0.22
CA SER A 59 0.59 -12.56 0.86
C SER A 59 0.13 -14.02 0.79
N GLY A 60 0.20 -14.63 -0.39
CA GLY A 60 -0.30 -15.97 -0.64
C GLY A 60 -1.81 -16.00 -0.90
N LEU A 61 -2.44 -14.82 -0.98
CA LEU A 61 -3.89 -14.68 -1.20
C LEU A 61 -4.24 -14.50 -2.65
N THR A 62 -5.40 -15.02 -3.04
CA THR A 62 -5.95 -14.83 -4.38
C THR A 62 -7.10 -13.80 -4.29
N VAL A 63 -7.05 -12.78 -5.15
CA VAL A 63 -8.06 -11.72 -5.26
C VAL A 63 -8.67 -11.71 -6.68
N ASP A 64 -9.97 -11.44 -6.75
CA ASP A 64 -10.70 -11.31 -8.02
C ASP A 64 -11.12 -9.86 -8.22
N ALA A 65 -11.74 -9.25 -7.18
CA ALA A 65 -12.19 -7.87 -7.28
C ALA A 65 -11.26 -6.90 -6.58
N LEU A 66 -10.55 -6.05 -7.35
CA LEU A 66 -9.68 -5.01 -6.81
C LEU A 66 -10.30 -3.68 -7.16
N HIS A 67 -10.38 -2.78 -6.20
CA HIS A 67 -10.97 -1.46 -6.38
C HIS A 67 -9.90 -0.38 -6.26
N LYS A 68 -9.81 0.54 -7.23
CA LYS A 68 -8.85 1.64 -7.17
C LYS A 68 -9.30 2.60 -6.07
N VAL A 69 -8.43 2.94 -5.10
CA VAL A 69 -8.84 3.84 -4.03
C VAL A 69 -7.94 5.06 -3.91
N GLY A 70 -6.76 5.02 -4.49
CA GLY A 70 -5.91 6.19 -4.36
C GLY A 70 -4.72 6.21 -5.28
N GLN A 71 -4.11 7.36 -5.37
CA GLN A 71 -2.86 7.53 -6.06
C GLN A 71 -2.01 8.43 -5.20
N ILE A 72 -0.79 7.99 -4.89
CA ILE A 72 0.12 8.80 -4.05
C ILE A 72 1.44 8.89 -4.75
N VAL A 73 1.94 10.11 -4.93
CA VAL A 73 3.25 10.33 -5.49
C VAL A 73 4.24 10.62 -4.36
N PHE A 74 5.32 9.83 -4.30
CA PHE A 74 6.37 10.02 -3.30
C PHE A 74 7.62 10.56 -3.93
N GLU A 75 8.16 11.59 -3.32
CA GLU A 75 9.41 12.18 -3.74
C GLU A 75 10.39 12.03 -2.57
N PHE A 76 11.61 11.61 -2.86
CA PHE A 76 12.69 11.62 -1.89
C PHE A 76 13.60 12.73 -2.37
N VAL A 77 13.84 13.77 -1.58
CA VAL A 77 14.73 14.84 -2.01
C VAL A 77 16.11 14.27 -2.40
N GLY A 78 16.64 14.70 -3.54
CA GLY A 78 17.93 14.17 -4.00
C GLY A 78 17.86 12.90 -4.83
N GLU A 79 16.64 12.41 -5.08
CA GLU A 79 16.43 11.21 -5.88
C GLU A 79 15.58 11.62 -7.08
N PRO A 80 16.08 11.38 -8.30
CA PRO A 80 15.35 11.84 -9.49
C PRO A 80 14.00 11.20 -9.75
N GLU A 81 13.87 9.90 -9.49
CA GLU A 81 12.65 9.19 -9.80
C GLU A 81 11.58 9.32 -8.73
N LEU A 82 10.40 9.78 -9.13
CA LEU A 82 9.27 9.85 -8.19
C LEU A 82 8.59 8.47 -8.19
N MET A 83 8.01 8.09 -7.06
CA MET A 83 7.28 6.82 -6.98
C MET A 83 5.81 7.13 -7.17
N ASP A 84 5.20 6.60 -8.24
CA ASP A 84 3.78 6.85 -8.52
C ASP A 84 3.04 5.62 -8.06
N VAL A 85 2.50 5.69 -6.85
CA VAL A 85 1.87 4.54 -6.21
C VAL A 85 0.39 4.49 -6.41
N HIS A 86 -0.09 3.40 -7.03
CA HIS A 86 -1.51 3.17 -7.25
C HIS A 86 -2.06 2.25 -6.17
N VAL A 87 -2.99 2.77 -5.37
CA VAL A 87 -3.52 2.11 -4.18
C VAL A 87 -4.83 1.44 -4.50
N PHE A 88 -4.92 0.17 -4.08
CA PHE A 88 -6.11 -0.63 -4.28
C PHE A 88 -6.59 -1.23 -3.00
N CYS A 89 -7.89 -1.53 -2.97
N CYS A 89 -7.90 -1.51 -2.95
N CYS A 89 -7.88 -1.53 -2.93
CA CYS A 89 -8.57 -2.14 -1.83
CA CYS A 89 -8.60 -2.14 -1.82
CA CYS A 89 -8.41 -2.24 -1.78
C CYS A 89 -9.41 -3.34 -2.26
C CYS A 89 -9.37 -3.36 -2.27
C CYS A 89 -9.30 -3.38 -2.26
N THR A 90 -9.50 -4.36 -1.39
CA THR A 90 -10.32 -5.56 -1.65
C THR A 90 -10.88 -6.03 -0.33
N ASP A 91 -12.10 -6.60 -0.33
CA ASP A 91 -12.69 -7.20 0.85
C ASP A 91 -12.93 -8.69 0.58
N SER A 92 -12.81 -9.09 -0.71
CA SER A 92 -13.04 -10.44 -1.23
C SER A 92 -11.76 -11.16 -1.63
N ILE A 93 -11.27 -11.98 -0.71
CA ILE A 93 -10.05 -12.76 -0.92
C ILE A 93 -10.33 -14.26 -0.75
N GLN A 94 -9.42 -15.09 -1.26
CA GLN A 94 -9.46 -16.54 -1.15
C GLN A 94 -8.14 -16.98 -0.58
N GLY A 95 -8.22 -17.89 0.38
CA GLY A 95 -7.05 -18.45 1.02
C GLY A 95 -6.71 -17.83 2.36
N THR A 96 -5.56 -18.24 2.89
CA THR A 96 -5.02 -17.78 4.16
C THR A 96 -3.65 -17.14 3.92
N PRO A 97 -3.32 -16.02 4.60
CA PRO A 97 -2.01 -15.39 4.38
C PRO A 97 -0.86 -16.31 4.75
N VAL A 98 0.20 -16.24 3.96
CA VAL A 98 1.38 -17.09 4.10
C VAL A 98 2.63 -16.29 4.51
N GLU A 99 3.35 -16.70 5.56
CA GLU A 99 4.62 -16.09 5.90
C GLU A 99 5.72 -16.71 5.06
N SER A 100 6.52 -15.87 4.46
CA SER A 100 7.63 -16.32 3.66
C SER A 100 8.91 -15.61 4.12
N ASP A 101 10.06 -15.94 3.53
N ASP A 101 10.05 -15.93 3.47
CA ASP A 101 11.29 -15.27 3.92
CA ASP A 101 11.38 -15.34 3.67
C ASP A 101 11.34 -13.78 3.50
C ASP A 101 11.36 -13.82 3.44
N GLU A 102 10.36 -13.34 2.69
CA GLU A 102 10.31 -11.93 2.32
C GLU A 102 9.28 -11.12 3.07
N MET A 103 8.25 -11.77 3.61
CA MET A 103 7.10 -11.05 4.14
C MET A 103 6.43 -11.79 5.28
N ARG A 104 6.05 -11.06 6.34
CA ARG A 104 5.33 -11.62 7.47
C ARG A 104 3.94 -10.94 7.57
N PRO A 105 2.89 -11.59 7.03
N PRO A 105 2.87 -11.53 6.97
CA PRO A 105 1.55 -11.01 7.11
CA PRO A 105 1.54 -10.90 7.08
C PRO A 105 0.90 -11.16 8.48
C PRO A 105 0.86 -11.13 8.43
N CYS A 106 0.03 -10.20 8.80
N CYS A 106 0.12 -10.10 8.90
CA CYS A 106 -0.73 -10.23 10.03
CA CYS A 106 -0.66 -10.12 10.14
C CYS A 106 -1.96 -9.38 9.91
C CYS A 106 -1.95 -9.35 9.93
N TRP A 107 -3.05 -9.83 10.53
CA TRP A 107 -4.33 -9.15 10.54
C TRP A 107 -4.30 -8.16 11.71
N PHE A 108 -4.83 -6.96 11.49
CA PHE A 108 -4.94 -5.93 12.53
C PHE A 108 -6.36 -5.49 12.68
N GLN A 109 -6.81 -5.35 13.93
CA GLN A 109 -8.11 -4.77 14.19
C GLN A 109 -8.01 -3.30 13.78
N LEU A 110 -9.14 -2.70 13.36
CA LEU A 110 -9.15 -1.34 12.81
C LEU A 110 -8.81 -0.23 13.80
N ASP A 111 -8.84 -0.54 15.11
CA ASP A 111 -8.46 0.40 16.15
C ASP A 111 -7.01 0.12 16.65
N GLN A 112 -6.27 -0.81 15.98
CA GLN A 112 -4.91 -1.21 16.34
C GLN A 112 -3.92 -1.13 15.19
N ILE A 113 -4.18 -0.20 14.22
CA ILE A 113 -3.29 -0.01 13.06
C ILE A 113 -1.93 0.44 13.60
N PRO A 114 -0.85 -0.27 13.21
CA PRO A 114 0.48 -0.02 13.81
C PRO A 114 1.22 1.16 13.20
N PHE A 115 0.63 2.35 13.27
CA PHE A 115 1.23 3.53 12.64
C PHE A 115 2.70 3.84 12.99
N LYS A 116 3.13 3.56 14.23
CA LYS A 116 4.51 3.81 14.63
C LYS A 116 5.51 2.95 13.87
N ASP A 117 5.04 1.82 13.32
CA ASP A 117 5.86 0.88 12.58
C ASP A 117 5.48 0.83 11.11
N MET A 118 4.85 1.89 10.60
CA MET A 118 4.51 2.02 9.18
C MET A 118 5.25 3.23 8.64
N TRP A 119 5.22 3.42 7.29
CA TRP A 119 5.77 4.64 6.70
C TRP A 119 4.94 5.81 7.31
N PRO A 120 5.55 6.97 7.53
CA PRO A 120 4.84 8.05 8.25
C PRO A 120 3.67 8.67 7.52
N ASP A 121 3.64 8.57 6.19
CA ASP A 121 2.49 9.15 5.47
C ASP A 121 1.19 8.37 5.73
N ASP A 122 1.28 7.12 6.15
CA ASP A 122 0.08 6.30 6.36
C ASP A 122 -0.90 6.90 7.34
N SER A 123 -0.39 7.59 8.37
N SER A 123 -0.42 7.58 8.40
CA SER A 123 -1.19 8.25 9.39
CA SER A 123 -1.34 8.17 9.36
C SER A 123 -2.13 9.29 8.77
C SER A 123 -2.20 9.27 8.74
N TYR A 124 -1.78 9.85 7.59
CA TYR A 124 -2.55 10.88 6.90
C TYR A 124 -3.68 10.30 6.05
N TRP A 125 -3.40 9.29 5.21
CA TRP A 125 -4.39 8.77 4.29
C TRP A 125 -5.09 7.49 4.73
N PHE A 126 -4.50 6.70 5.66
CA PHE A 126 -5.21 5.49 6.11
C PHE A 126 -6.61 5.80 6.68
N PRO A 127 -6.81 6.91 7.45
CA PRO A 127 -8.17 7.24 7.94
C PRO A 127 -9.19 7.46 6.82
N LEU A 128 -8.72 7.90 5.63
CA LEU A 128 -9.58 8.08 4.46
C LEU A 128 -9.94 6.75 3.85
N LEU A 129 -8.95 5.86 3.70
CA LEU A 129 -9.15 4.50 3.19
C LEU A 129 -10.18 3.75 4.07
N LEU A 130 -10.12 3.94 5.41
CA LEU A 130 -11.02 3.27 6.37
C LEU A 130 -12.44 3.78 6.30
N GLN A 131 -12.63 5.04 5.89
CA GLN A 131 -13.95 5.64 5.78
C GLN A 131 -14.47 5.54 4.33
N LYS A 132 -13.86 4.62 3.53
CA LYS A 132 -14.17 4.29 2.14
C LYS A 132 -14.01 5.46 1.15
N LYS A 133 -13.15 6.42 1.51
CA LYS A 133 -12.88 7.59 0.67
C LYS A 133 -11.73 7.33 -0.29
N LYS A 134 -11.75 8.00 -1.46
CA LYS A 134 -10.71 7.89 -2.49
C LYS A 134 -9.86 9.14 -2.40
N PHE A 135 -8.59 9.06 -2.79
CA PHE A 135 -7.70 10.20 -2.59
C PHE A 135 -6.57 10.30 -3.58
N HIS A 136 -6.02 11.51 -3.68
CA HIS A 136 -4.80 11.79 -4.42
C HIS A 136 -3.87 12.46 -3.42
N GLY A 137 -2.66 11.96 -3.31
CA GLY A 137 -1.68 12.53 -2.39
C GLY A 137 -0.30 12.71 -3.02
N TYR A 138 0.51 13.57 -2.41
CA TYR A 138 1.90 13.80 -2.78
C TYR A 138 2.64 14.03 -1.48
N PHE A 139 3.72 13.28 -1.24
CA PHE A 139 4.51 13.42 -0.03
C PHE A 139 5.95 13.59 -0.40
N LYS A 140 6.57 14.64 0.12
CA LYS A 140 7.99 14.89 -0.09
C LYS A 140 8.73 14.49 1.17
N PHE A 141 9.63 13.52 1.04
CA PHE A 141 10.43 12.99 2.11
C PHE A 141 11.87 13.44 2.08
N GLN A 142 12.50 13.59 3.26
CA GLN A 142 13.94 13.77 3.38
C GLN A 142 14.34 12.50 4.12
N GLY A 143 14.96 11.58 3.41
CA GLY A 143 15.24 10.27 3.99
C GLY A 143 13.94 9.49 4.11
N GLN A 144 13.94 8.44 4.92
CA GLN A 144 12.75 7.59 5.03
C GLN A 144 11.82 7.92 6.20
N ASP A 145 12.20 8.86 7.06
CA ASP A 145 11.39 9.13 8.26
C ASP A 145 10.84 10.52 8.39
N THR A 146 11.19 11.44 7.47
CA THR A 146 10.78 12.83 7.61
C THR A 146 9.96 13.28 6.42
N ILE A 147 8.73 13.76 6.68
CA ILE A 147 7.88 14.37 5.67
C ILE A 147 8.14 15.89 5.72
N LEU A 148 8.68 16.43 4.66
CA LEU A 148 8.97 17.86 4.58
C LEU A 148 7.71 18.64 4.28
N ASP A 149 6.92 18.14 3.32
CA ASP A 149 5.67 18.75 2.90
C ASP A 149 4.82 17.72 2.20
N TYR A 150 3.54 18.01 2.08
CA TYR A 150 2.62 17.08 1.45
C TYR A 150 1.36 17.76 0.99
N THR A 151 0.64 17.11 0.08
CA THR A 151 -0.71 17.49 -0.32
C THR A 151 -1.54 16.22 -0.23
N LEU A 152 -2.80 16.36 0.18
CA LEU A 152 -3.69 15.22 0.25
C LEU A 152 -5.13 15.66 0.09
N ARG A 153 -5.82 15.12 -0.91
CA ARG A 153 -7.21 15.50 -1.10
C ARG A 153 -8.09 14.33 -1.44
N GLU A 154 -9.33 14.38 -0.98
CA GLU A 154 -10.32 13.39 -1.34
C GLU A 154 -10.78 13.67 -2.79
N VAL A 155 -11.01 12.61 -3.56
CA VAL A 155 -11.43 12.69 -4.97
C VAL A 155 -12.60 11.73 -5.16
N ASP A 156 -13.38 11.98 -6.21
CA ASP A 156 -14.48 11.08 -6.56
C ASP A 156 -13.98 10.02 -7.55
N THR A 157 -12.99 10.38 -8.38
N THR A 157 -12.99 10.40 -8.40
CA THR A 157 -12.40 9.51 -9.41
CA THR A 157 -12.36 9.52 -9.39
C THR A 157 -10.91 9.45 -9.18
C THR A 157 -10.89 9.44 -9.12
N VAL A 158 -10.35 8.22 -9.03
CA VAL A 158 -8.91 8.04 -8.82
C VAL A 158 -8.21 8.21 -10.18
O 9CQ B . 7.25 -2.91 -2.63
C2 9CQ B . 6.12 -2.45 -2.48
N 9CQ B . 5.30 -2.91 -1.53
C1 9CQ B . 3.95 -2.39 -1.27
C 9CQ B . 5.68 -4.02 -0.67
C3 9CQ B . 5.70 -1.26 -3.34
C4 9CQ B . 5.63 0.00 -2.52
C9 9CQ B . 6.68 0.36 -1.68
C8 9CQ B . 6.55 1.43 -0.79
C7 9CQ B . 5.40 2.21 -0.79
C6 9CQ B . 4.33 1.82 -1.59
C5 9CQ B . 4.46 0.74 -2.46
C10 9CQ B . 5.18 3.28 0.21
N2 9CQ B . 4.13 3.10 1.00
C17 9CQ B . 3.87 4.05 1.92
N3 9CQ B . 2.79 3.86 2.68
N1 9CQ B . 4.63 5.14 2.17
C16 9CQ B . 5.72 5.31 1.36
C11 9CQ B . 6.09 4.38 0.37
C15 9CQ B . 6.54 6.46 1.56
C14 9CQ B . 7.65 6.67 0.77
C13 9CQ B . 7.97 5.78 -0.25
C12 9CQ B . 7.21 4.66 -0.46
#